data_7PSE
#
_entry.id   7PSE
#
_cell.length_a   44.830
_cell.length_b   105.480
_cell.length_c   124.960
_cell.angle_alpha   90.000
_cell.angle_beta   90.000
_cell.angle_gamma   90.000
#
_symmetry.space_group_name_H-M   'P 2 21 21'
#
loop_
_entity.id
_entity.type
_entity.pdbx_description
1 polymer Beta-lactamase
2 non-polymer '(2R,4S)-5,5-dimethyl-2-[(1R)-1-{[(5-methyl-3-phenyl-1,2-oxazol-4-yl)carbonyl]amino}-2-oxoethyl]-1,3-thiazolidine-4-carb oxylic acid'
3 non-polymer 1-BUTANOL
4 non-polymer 'CHLORIDE ION'
5 water water
#
_entity_poly.entity_id   1
_entity_poly.type   'polypeptide(L)'
_entity_poly.pdbx_seq_one_letter_code
;MHHHHHHSAGENLYFQGKEWQENKSWNAHFTEHKSQGVVVLWNENKQQGFTNNLKRANQAFLPASTF(ALY)IPNSLIAL
DLGVVKDEHQVFKWDGQTRDIATWNRDHNLITAMKYSVVPVYQEFARQIGEARMSKMLHAFDYGNEDISGNVDSFWLDGG
IRISATEQISFLRKLYHNKLHVSERSQRIVKQAMLTEANGDYIIRAKTGYSTRIEPKIGWWVGWVELDDNVWFFAMNMDM
PTSDGLGLRQAITKEVLKQEKIIP
;
_entity_poly.pdbx_strand_id   AAA,BBB
#
# COMPACT_ATOMS: atom_id res chain seq x y z
N GLU A 19 29.87 -2.03 -10.46
CA GLU A 19 28.60 -1.30 -10.12
C GLU A 19 27.44 -1.84 -10.98
N TRP A 20 27.51 -1.69 -12.30
CA TRP A 20 26.57 -2.27 -13.30
C TRP A 20 27.14 -3.57 -13.88
N GLN A 21 26.29 -4.58 -14.10
CA GLN A 21 26.72 -5.94 -14.52
C GLN A 21 25.68 -6.49 -15.50
N GLU A 22 26.16 -6.98 -16.64
CA GLU A 22 25.31 -7.69 -17.62
C GLU A 22 25.08 -9.11 -17.08
N ASN A 23 23.85 -9.63 -17.19
CA ASN A 23 23.55 -11.03 -16.87
C ASN A 23 22.71 -11.58 -18.02
N LYS A 24 23.38 -12.00 -19.09
CA LYS A 24 22.77 -12.43 -20.37
C LYS A 24 21.90 -13.68 -20.17
N SER A 25 22.04 -14.40 -19.03
CA SER A 25 21.23 -15.60 -18.69
C SER A 25 19.73 -15.24 -18.66
N TRP A 26 19.37 -14.00 -18.30
CA TRP A 26 17.96 -13.51 -18.27
C TRP A 26 17.38 -13.44 -19.70
N ASN A 27 18.21 -13.40 -20.75
CA ASN A 27 17.72 -13.34 -22.16
C ASN A 27 16.84 -14.57 -22.42
N ALA A 28 17.19 -15.71 -21.80
CA ALA A 28 16.44 -16.98 -21.82
C ALA A 28 14.95 -16.73 -21.57
N HIS A 29 14.64 -15.87 -20.59
CA HIS A 29 13.25 -15.56 -20.16
C HIS A 29 12.52 -14.84 -21.30
N PHE A 30 13.19 -13.95 -22.02
CA PHE A 30 12.60 -13.26 -23.21
C PHE A 30 12.43 -14.27 -24.34
N THR A 31 13.49 -15.05 -24.59
CA THR A 31 13.61 -16.03 -25.71
C THR A 31 12.48 -17.07 -25.63
N GLU A 32 12.22 -17.60 -24.42
CA GLU A 32 11.31 -18.74 -24.19
C GLU A 32 9.86 -18.32 -24.47
N HIS A 33 9.60 -17.01 -24.51
CA HIS A 33 8.29 -16.41 -24.93
C HIS A 33 8.42 -15.83 -26.34
N LYS A 34 9.53 -16.11 -27.03
CA LYS A 34 9.84 -15.66 -28.42
C LYS A 34 9.72 -14.13 -28.54
N SER A 35 10.31 -13.39 -27.58
CA SER A 35 10.28 -11.90 -27.53
C SER A 35 11.67 -11.34 -27.22
N GLN A 36 11.91 -10.10 -27.62
CA GLN A 36 13.12 -9.31 -27.28
C GLN A 36 12.77 -8.35 -26.15
N GLY A 37 13.73 -7.99 -25.30
CA GLY A 37 13.59 -6.82 -24.42
C GLY A 37 14.60 -6.79 -23.30
N VAL A 38 14.48 -5.79 -22.44
CA VAL A 38 15.44 -5.54 -21.34
C VAL A 38 14.67 -5.60 -20.01
N VAL A 39 15.30 -6.17 -18.99
CA VAL A 39 14.98 -6.01 -17.55
C VAL A 39 16.19 -5.35 -16.89
N VAL A 40 15.96 -4.27 -16.15
CA VAL A 40 16.98 -3.64 -15.27
C VAL A 40 16.49 -3.76 -13.83
N LEU A 41 17.32 -4.36 -12.96
CA LEU A 41 17.17 -4.40 -11.48
C LEU A 41 18.21 -3.45 -10.88
N TRP A 42 17.90 -2.91 -9.71
CA TRP A 42 18.82 -2.11 -8.86
C TRP A 42 18.59 -2.52 -7.39
N ASN A 43 19.56 -3.23 -6.83
CA ASN A 43 19.66 -3.55 -5.40
C ASN A 43 20.05 -2.28 -4.65
N GLU A 44 19.09 -1.65 -3.99
CA GLU A 44 19.29 -0.33 -3.32
C GLU A 44 20.39 -0.42 -2.26
N ASN A 45 20.35 -1.44 -1.39
CA ASN A 45 21.30 -1.59 -0.26
C ASN A 45 22.73 -1.62 -0.83
N LYS A 46 22.97 -2.46 -1.83
CA LYS A 46 24.33 -2.78 -2.34
C LYS A 46 24.77 -1.69 -3.33
N GLN A 47 23.88 -0.74 -3.67
CA GLN A 47 24.17 0.34 -4.65
C GLN A 47 24.66 -0.25 -6.00
N GLN A 48 24.13 -1.42 -6.41
CA GLN A 48 24.48 -2.17 -7.65
C GLN A 48 23.26 -2.42 -8.54
N GLY A 49 23.47 -2.44 -9.86
CA GLY A 49 22.45 -2.70 -10.90
C GLY A 49 22.80 -3.89 -11.78
N PHE A 50 21.78 -4.49 -12.40
CA PHE A 50 21.89 -5.74 -13.21
C PHE A 50 20.94 -5.61 -14.40
N THR A 51 21.39 -5.93 -15.62
CA THR A 51 20.54 -6.02 -16.83
C THR A 51 20.96 -7.19 -17.74
N ASN A 52 20.04 -7.62 -18.59
CA ASN A 52 20.27 -8.68 -19.62
C ASN A 52 20.86 -8.03 -20.88
N ASN A 53 20.91 -6.70 -20.92
CA ASN A 53 21.27 -5.93 -22.14
C ASN A 53 21.54 -4.45 -21.80
N LEU A 54 22.79 -4.11 -21.49
CA LEU A 54 23.31 -2.76 -21.16
C LEU A 54 22.92 -1.74 -22.23
N LYS A 55 22.95 -2.11 -23.52
CA LYS A 55 22.66 -1.15 -24.62
C LYS A 55 21.16 -0.81 -24.53
N ARG A 56 20.28 -1.81 -24.60
CA ARG A 56 18.80 -1.59 -24.63
C ARG A 56 18.35 -0.92 -23.34
N ALA A 57 18.93 -1.29 -22.20
CA ALA A 57 18.71 -0.65 -20.88
C ALA A 57 18.89 0.86 -20.99
N ASN A 58 19.68 1.34 -21.96
CA ASN A 58 20.01 2.78 -22.09
C ASN A 58 19.33 3.37 -23.31
N GLN A 59 18.63 2.53 -24.07
CA GLN A 59 17.76 2.98 -25.20
C GLN A 59 16.50 3.62 -24.61
N ALA A 60 16.16 4.80 -25.11
CA ALA A 60 14.99 5.59 -24.66
C ALA A 60 13.80 5.22 -25.55
N PHE A 61 12.63 5.12 -24.95
CA PHE A 61 11.35 4.88 -25.66
C PHE A 61 10.30 5.87 -25.14
N LEU A 62 9.20 6.02 -25.87
CA LEU A 62 8.00 6.73 -25.39
C LEU A 62 7.56 6.09 -24.08
N PRO A 63 7.28 6.91 -23.02
CA PRO A 63 6.93 6.36 -21.70
C PRO A 63 5.55 5.71 -21.61
N ALA A 64 4.61 6.12 -22.48
CA ALA A 64 3.20 5.70 -22.43
C ALA A 64 2.68 5.93 -21.01
N SER A 65 1.95 4.93 -20.49
CA SER A 65 1.21 5.04 -19.22
C SER A 65 2.19 5.11 -18.03
N THR A 66 3.47 4.78 -18.20
CA THR A 66 4.46 5.02 -17.12
C THR A 66 4.55 6.54 -16.87
N PHE A 67 4.09 7.40 -17.79
CA PHE A 67 4.12 8.88 -17.62
C PHE A 67 3.14 9.29 -16.52
N ILE A 69 2.94 8.40 -13.56
CA ILE A 69 3.66 8.69 -12.32
C ILE A 69 3.98 10.19 -12.24
N PRO A 70 4.88 10.74 -13.10
CA PRO A 70 5.22 12.14 -13.01
C PRO A 70 4.00 13.04 -13.25
N ASN A 71 3.10 12.62 -14.14
CA ASN A 71 1.84 13.39 -14.37
C ASN A 71 1.11 13.54 -13.04
N SER A 72 0.83 12.41 -12.36
CA SER A 72 0.11 12.33 -11.05
C SER A 72 0.76 13.31 -10.05
N LEU A 73 2.09 13.29 -9.95
CA LEU A 73 2.90 14.07 -8.97
C LEU A 73 2.70 15.57 -9.20
N ILE A 74 2.78 15.98 -10.46
CA ILE A 74 2.74 17.40 -10.88
C ILE A 74 1.33 17.93 -10.63
N ALA A 75 0.33 17.17 -11.08
CA ALA A 75 -1.11 17.45 -10.84
C ALA A 75 -1.36 17.68 -9.34
N LEU A 76 -0.85 16.78 -8.49
CA LEU A 76 -1.07 16.86 -7.02
C LEU A 76 -0.38 18.09 -6.45
N ASP A 77 0.88 18.33 -6.82
CA ASP A 77 1.68 19.40 -6.18
C ASP A 77 1.05 20.75 -6.55
N LEU A 78 0.27 20.78 -7.63
CA LEU A 78 -0.27 22.04 -8.20
C LEU A 78 -1.75 22.22 -7.83
N GLY A 79 -2.35 21.25 -7.15
CA GLY A 79 -3.77 21.33 -6.72
C GLY A 79 -4.74 21.02 -7.84
N VAL A 80 -4.26 20.53 -8.98
CA VAL A 80 -5.16 20.03 -10.06
C VAL A 80 -5.88 18.79 -9.52
N VAL A 81 -5.20 17.98 -8.70
CA VAL A 81 -5.81 16.86 -7.93
C VAL A 81 -5.72 17.24 -6.44
N LYS A 82 -6.86 17.31 -5.75
CA LYS A 82 -6.92 17.71 -4.31
C LYS A 82 -6.39 16.55 -3.49
N ASP A 83 -6.80 15.32 -3.82
CA ASP A 83 -6.32 14.08 -3.15
C ASP A 83 -6.75 12.89 -4.00
N GLU A 84 -6.51 11.68 -3.48
CA GLU A 84 -6.67 10.37 -4.17
C GLU A 84 -8.12 9.86 -4.10
N HIS A 85 -9.04 10.59 -3.45
CA HIS A 85 -10.47 10.18 -3.28
C HIS A 85 -11.34 10.98 -4.25
N GLN A 86 -10.91 12.22 -4.54
CA GLN A 86 -11.49 13.15 -5.56
C GLN A 86 -11.81 12.39 -6.86
N VAL A 87 -13.05 12.55 -7.32
CA VAL A 87 -13.67 11.80 -8.44
C VAL A 87 -13.53 12.62 -9.74
N PHE A 88 -13.13 11.93 -10.81
CA PHE A 88 -12.93 12.49 -12.16
C PHE A 88 -14.05 11.93 -13.02
N LYS A 89 -14.97 12.81 -13.35
CA LYS A 89 -16.30 12.50 -13.94
C LYS A 89 -16.14 12.11 -15.41
N TRP A 90 -16.45 10.85 -15.75
CA TRP A 90 -16.59 10.34 -17.13
C TRP A 90 -17.37 11.36 -17.98
N ASP A 91 -16.70 11.98 -18.97
CA ASP A 91 -17.26 12.98 -19.92
C ASP A 91 -18.32 12.32 -20.81
N GLY A 92 -18.59 11.02 -20.60
CA GLY A 92 -19.82 10.34 -21.06
C GLY A 92 -19.68 9.76 -22.45
N GLN A 93 -18.47 9.74 -23.00
CA GLN A 93 -18.13 9.29 -24.37
C GLN A 93 -17.45 7.93 -24.28
N THR A 94 -18.14 6.88 -24.72
CA THR A 94 -17.62 5.49 -24.71
C THR A 94 -16.29 5.46 -25.48
N ARG A 95 -15.30 4.69 -24.96
CA ARG A 95 -13.97 4.41 -25.58
C ARG A 95 -13.75 2.88 -25.58
N ASP A 96 -12.66 2.41 -26.19
CA ASP A 96 -12.45 0.95 -26.46
C ASP A 96 -12.20 0.20 -25.16
N ILE A 97 -11.60 0.87 -24.16
CA ILE A 97 -11.18 0.27 -22.85
C ILE A 97 -12.38 0.37 -21.90
N ALA A 98 -13.05 -0.76 -21.60
CA ALA A 98 -14.31 -0.82 -20.80
C ALA A 98 -14.15 -0.02 -19.51
N THR A 99 -13.02 -0.25 -18.81
CA THR A 99 -12.65 0.30 -17.48
C THR A 99 -12.55 1.83 -17.47
N TRP A 100 -12.49 2.49 -18.65
CA TRP A 100 -12.38 3.98 -18.79
C TRP A 100 -13.77 4.61 -18.77
N ASN A 101 -14.81 3.80 -19.01
CA ASN A 101 -16.22 4.24 -19.18
C ASN A 101 -16.94 4.16 -17.82
N ARG A 102 -16.53 5.02 -16.88
CA ARG A 102 -17.07 5.13 -15.50
C ARG A 102 -16.22 6.16 -14.76
N ASP A 103 -16.61 6.52 -13.54
CA ASP A 103 -15.88 7.54 -12.75
C ASP A 103 -14.60 6.90 -12.19
N HIS A 104 -13.62 7.75 -11.87
CA HIS A 104 -12.27 7.37 -11.40
C HIS A 104 -11.79 8.36 -10.33
N ASN A 105 -10.88 7.90 -9.50
CA ASN A 105 -10.02 8.70 -8.56
C ASN A 105 -8.57 8.40 -8.93
N LEU A 106 -7.62 9.14 -8.37
CA LEU A 106 -6.20 8.96 -8.72
C LEU A 106 -5.83 7.48 -8.64
N ILE A 107 -6.40 6.73 -7.69
CA ILE A 107 -6.08 5.29 -7.44
C ILE A 107 -6.52 4.48 -8.67
N THR A 108 -7.78 4.59 -9.09
CA THR A 108 -8.36 3.77 -10.19
C THR A 108 -7.85 4.31 -11.52
N ALA A 109 -7.61 5.62 -11.60
CA ALA A 109 -6.98 6.31 -12.75
C ALA A 109 -5.65 5.60 -13.07
N MET A 110 -4.78 5.43 -12.08
CA MET A 110 -3.49 4.73 -12.26
C MET A 110 -3.73 3.25 -12.49
N LYS A 111 -4.64 2.62 -11.74
CA LYS A 111 -4.77 1.14 -11.80
C LYS A 111 -5.15 0.71 -13.21
N TYR A 112 -6.00 1.50 -13.87
CA TYR A 112 -6.66 1.19 -15.18
C TYR A 112 -6.10 2.04 -16.33
N SER A 113 -5.09 2.88 -16.04
CA SER A 113 -4.30 3.65 -17.04
C SER A 113 -5.26 4.48 -17.88
N VAL A 114 -6.02 5.34 -17.21
CA VAL A 114 -7.17 6.10 -17.81
C VAL A 114 -6.63 7.37 -18.49
N VAL A 115 -6.38 7.29 -19.79
CA VAL A 115 -5.65 8.33 -20.58
C VAL A 115 -6.41 9.64 -20.48
N PRO A 116 -7.73 9.65 -20.78
CA PRO A 116 -8.51 10.88 -20.79
C PRO A 116 -8.40 11.75 -19.53
N VAL A 117 -8.33 11.08 -18.38
CA VAL A 117 -8.22 11.73 -17.04
C VAL A 117 -6.88 12.47 -17.00
N TYR A 118 -5.82 11.80 -17.43
CA TYR A 118 -4.43 12.34 -17.44
C TYR A 118 -4.27 13.36 -18.58
N GLN A 119 -4.93 13.17 -19.73
CA GLN A 119 -5.02 14.25 -20.74
C GLN A 119 -5.58 15.50 -20.05
N GLU A 120 -6.68 15.33 -19.29
CA GLU A 120 -7.37 16.47 -18.63
C GLU A 120 -6.44 17.12 -17.59
N PHE A 121 -5.77 16.35 -16.74
CA PHE A 121 -4.74 16.89 -15.80
C PHE A 121 -3.69 17.68 -16.57
N ALA A 122 -3.18 17.08 -17.65
CA ALA A 122 -2.11 17.68 -18.49
C ALA A 122 -2.56 19.06 -18.96
N ARG A 123 -3.82 19.16 -19.42
CA ARG A 123 -4.41 20.41 -19.95
C ARG A 123 -4.39 21.47 -18.86
N GLN A 124 -4.84 21.12 -17.66
CA GLN A 124 -4.91 22.06 -16.52
C GLN A 124 -3.49 22.43 -16.06
N ILE A 125 -2.57 21.45 -16.05
CA ILE A 125 -1.13 21.64 -15.66
C ILE A 125 -0.50 22.71 -16.57
N GLY A 126 -0.64 22.57 -17.88
CA GLY A 126 -0.20 23.55 -18.91
C GLY A 126 1.26 23.37 -19.31
N GLU A 127 1.55 23.39 -20.62
CA GLU A 127 2.87 22.98 -21.17
C GLU A 127 4.01 23.72 -20.44
N ALA A 128 3.81 24.97 -20.02
CA ALA A 128 4.83 25.78 -19.30
C ALA A 128 5.26 25.08 -18.00
N ARG A 129 4.28 24.76 -17.13
CA ARG A 129 4.55 24.16 -15.80
C ARG A 129 4.98 22.70 -15.98
N MET A 130 4.35 21.95 -16.88
CA MET A 130 4.70 20.53 -17.15
C MET A 130 6.20 20.46 -17.49
N SER A 131 6.66 21.37 -18.36
CA SER A 131 8.07 21.51 -18.83
C SER A 131 8.99 21.72 -17.64
N LYS A 132 8.76 22.78 -16.86
CA LYS A 132 9.55 23.13 -15.64
C LYS A 132 9.72 21.88 -14.77
N MET A 133 8.60 21.18 -14.51
CA MET A 133 8.53 20.04 -13.56
C MET A 133 9.35 18.85 -14.10
N LEU A 134 9.18 18.47 -15.37
CA LEU A 134 9.95 17.33 -15.96
C LEU A 134 11.45 17.61 -15.88
N HIS A 135 11.86 18.89 -16.00
CA HIS A 135 13.28 19.32 -15.86
C HIS A 135 13.72 19.06 -14.43
N ALA A 136 13.04 19.70 -13.47
CA ALA A 136 13.28 19.53 -12.01
C ALA A 136 13.36 18.03 -11.66
N PHE A 137 12.52 17.18 -12.23
CA PHE A 137 12.57 15.70 -12.03
C PHE A 137 13.75 15.07 -12.78
N ASP A 138 14.33 15.73 -13.79
CA ASP A 138 15.44 15.17 -14.61
C ASP A 138 14.85 13.94 -15.35
N TYR A 139 13.60 14.09 -15.81
CA TYR A 139 12.75 12.98 -16.33
C TYR A 139 13.09 12.74 -17.80
N GLY A 140 13.64 11.57 -18.13
CA GLY A 140 14.04 11.23 -19.49
C GLY A 140 14.72 12.40 -20.17
N ASN A 141 14.26 12.79 -21.37
CA ASN A 141 14.94 13.80 -22.22
C ASN A 141 14.28 15.17 -22.05
N GLU A 142 13.27 15.29 -21.18
CA GLU A 142 12.62 16.57 -20.76
C GLU A 142 11.95 17.30 -21.94
N ASP A 143 11.59 16.56 -22.99
CA ASP A 143 11.09 17.09 -24.28
C ASP A 143 9.57 16.84 -24.39
N ILE A 144 8.77 17.90 -24.29
CA ILE A 144 7.27 17.86 -24.41
C ILE A 144 6.80 18.32 -25.80
N SER A 145 7.38 17.79 -26.88
CA SER A 145 6.92 18.05 -28.29
C SER A 145 5.52 17.48 -28.53
N GLY A 146 4.49 18.32 -28.46
CA GLY A 146 3.07 17.92 -28.71
C GLY A 146 2.12 19.09 -28.66
N VAL A 148 0.47 19.15 -26.08
CA VAL A 148 0.49 19.24 -24.59
C VAL A 148 -0.27 18.05 -24.00
N ASP A 149 -1.35 17.59 -24.66
CA ASP A 149 -2.30 16.59 -24.12
C ASP A 149 -2.00 15.19 -24.70
N SER A 150 -0.86 14.98 -25.37
CA SER A 150 -0.54 13.70 -26.06
C SER A 150 0.97 13.38 -26.09
N PHE A 151 1.85 14.30 -25.69
CA PHE A 151 3.31 14.23 -26.01
C PHE A 151 3.92 12.94 -25.45
N TRP A 152 3.43 12.44 -24.31
CA TRP A 152 3.93 11.21 -23.68
C TRP A 152 3.40 9.95 -24.39
N LEU A 153 2.41 10.08 -25.28
CA LEU A 153 1.82 8.95 -26.07
C LEU A 153 2.45 8.85 -27.48
N ASP A 154 2.63 10.01 -28.15
CA ASP A 154 3.01 10.08 -29.59
C ASP A 154 3.95 11.27 -29.89
N GLY A 155 4.47 11.97 -28.87
CA GLY A 155 5.28 13.19 -29.02
C GLY A 155 6.77 12.92 -28.88
N GLY A 156 7.50 13.89 -28.32
CA GLY A 156 8.98 13.90 -28.27
C GLY A 156 9.59 13.24 -27.04
N ILE A 157 8.87 13.13 -25.91
CA ILE A 157 9.43 12.68 -24.60
C ILE A 157 9.94 11.24 -24.73
N ARG A 158 11.14 10.98 -24.22
CA ARG A 158 11.81 9.65 -24.30
C ARG A 158 12.47 9.41 -22.95
N ILE A 159 12.41 8.16 -22.49
CA ILE A 159 13.07 7.73 -21.24
C ILE A 159 13.53 6.28 -21.41
N SER A 160 14.72 5.97 -20.90
CA SER A 160 15.30 4.61 -20.88
C SER A 160 14.95 3.92 -19.55
N ALA A 161 15.03 2.58 -19.52
CA ALA A 161 14.95 1.74 -18.32
C ALA A 161 15.77 2.37 -17.20
N THR A 162 17.03 2.68 -17.42
CA THR A 162 17.95 3.12 -16.32
C THR A 162 17.51 4.52 -15.84
N GLU A 163 17.01 5.39 -16.72
CA GLU A 163 16.53 6.73 -16.35
C GLU A 163 15.22 6.58 -15.56
N GLN A 164 14.53 5.44 -15.74
CA GLN A 164 13.26 5.12 -15.04
C GLN A 164 13.59 4.84 -13.57
N ILE A 165 14.52 3.91 -13.37
CA ILE A 165 15.10 3.57 -12.03
C ILE A 165 15.48 4.89 -11.34
N SER A 166 16.31 5.70 -11.98
CA SER A 166 16.82 6.98 -11.44
C SER A 166 15.66 7.82 -10.88
N PHE A 167 14.61 8.03 -11.68
CA PHE A 167 13.40 8.80 -11.31
C PHE A 167 12.68 8.11 -10.15
N LEU A 168 12.44 6.81 -10.28
CA LEU A 168 11.79 5.97 -9.25
C LEU A 168 12.58 6.08 -7.93
N ARG A 169 13.90 5.90 -7.95
CA ARG A 169 14.76 5.97 -6.75
C ARG A 169 14.52 7.32 -6.07
N LYS A 170 14.47 8.43 -6.82
CA LYS A 170 14.18 9.75 -6.22
C LYS A 170 12.79 9.70 -5.56
N LEU A 171 11.76 9.17 -6.25
CA LEU A 171 10.38 9.10 -5.71
C LEU A 171 10.38 8.29 -4.40
N TYR A 172 11.14 7.19 -4.34
CA TYR A 172 11.15 6.29 -3.16
C TYR A 172 11.62 7.03 -1.92
N HIS A 173 12.70 7.81 -2.03
CA HIS A 173 13.29 8.60 -0.92
C HIS A 173 12.70 10.01 -0.86
N ASN A 174 11.57 10.28 -1.53
CA ASN A 174 10.91 11.61 -1.42
C ASN A 174 11.90 12.73 -1.74
N LYS A 175 12.64 12.60 -2.86
CA LYS A 175 13.73 13.53 -3.25
C LYS A 175 13.34 14.34 -4.50
N LEU A 176 12.18 14.10 -5.10
CA LEU A 176 11.71 14.88 -6.28
C LEU A 176 11.30 16.29 -5.81
N HIS A 177 11.49 17.31 -6.64
CA HIS A 177 11.26 18.72 -6.28
C HIS A 177 9.75 18.99 -6.29
N VAL A 178 9.00 18.25 -5.45
CA VAL A 178 7.54 18.38 -5.13
C VAL A 178 7.36 18.01 -3.65
N SER A 179 6.25 18.42 -3.02
CA SER A 179 5.94 18.12 -1.59
C SER A 179 6.01 16.60 -1.33
N GLU A 180 6.49 16.23 -0.15
CA GLU A 180 6.50 14.84 0.42
C GLU A 180 5.11 14.18 0.27
N ARG A 181 4.07 14.91 0.63
CA ARG A 181 2.64 14.46 0.51
C ARG A 181 2.38 13.95 -0.91
N SER A 182 2.64 14.80 -1.92
CA SER A 182 2.47 14.48 -3.37
C SER A 182 3.11 13.11 -3.71
N GLN A 183 4.27 12.82 -3.12
CA GLN A 183 5.05 11.60 -3.43
C GLN A 183 4.40 10.38 -2.76
N ARG A 184 4.13 10.50 -1.46
CA ARG A 184 3.41 9.47 -0.66
C ARG A 184 2.13 9.08 -1.38
N ILE A 185 1.33 10.06 -1.82
CA ILE A 185 0.03 9.80 -2.54
C ILE A 185 0.29 9.00 -3.82
N VAL A 186 1.31 9.39 -4.62
CA VAL A 186 1.60 8.71 -5.90
C VAL A 186 2.13 7.29 -5.63
N LYS A 187 2.98 7.12 -4.64
CA LYS A 187 3.46 5.78 -4.23
C LYS A 187 2.28 4.91 -3.80
N GLN A 188 1.36 5.44 -2.99
CA GLN A 188 0.12 4.71 -2.64
C GLN A 188 -0.54 4.24 -3.94
N ALA A 189 -0.77 5.20 -4.84
CA ALA A 189 -1.44 4.95 -6.13
C ALA A 189 -0.68 3.89 -6.95
N MET A 190 0.64 3.78 -6.79
CA MET A 190 1.46 2.79 -7.54
C MET A 190 1.23 1.37 -6.97
N LEU A 191 0.60 1.25 -5.79
CA LEU A 191 0.40 -0.07 -5.14
C LEU A 191 -0.18 -1.02 -6.19
N THR A 192 0.48 -2.12 -6.48
CA THR A 192 0.01 -3.12 -7.47
C THR A 192 -0.29 -4.46 -6.78
N GLU A 193 0.56 -4.85 -5.85
CA GLU A 193 0.55 -6.22 -5.24
C GLU A 193 1.19 -6.14 -3.86
N ALA A 194 0.71 -6.94 -2.91
CA ALA A 194 1.34 -7.05 -1.57
C ALA A 194 0.93 -8.38 -0.94
N ASN A 195 1.83 -8.99 -0.16
CA ASN A 195 1.56 -10.19 0.69
C ASN A 195 2.55 -10.20 1.87
N GLY A 196 2.74 -11.35 2.51
CA GLY A 196 3.66 -11.51 3.65
C GLY A 196 5.13 -11.66 3.25
N ASP A 197 5.42 -11.67 1.94
CA ASP A 197 6.78 -11.81 1.34
C ASP A 197 7.27 -10.45 0.83
N TYR A 198 6.46 -9.73 0.03
CA TYR A 198 6.87 -8.49 -0.66
C TYR A 198 5.68 -7.55 -0.93
N ILE A 199 6.02 -6.29 -1.20
CA ILE A 199 5.11 -5.22 -1.70
C ILE A 199 5.66 -4.81 -3.08
N ILE A 200 4.85 -4.84 -4.14
CA ILE A 200 5.24 -4.25 -5.44
C ILE A 200 4.49 -2.93 -5.59
N ARG A 201 5.21 -1.85 -5.84
CA ARG A 201 4.65 -0.57 -6.35
C ARG A 201 5.20 -0.43 -7.77
N ALA A 202 4.35 -0.13 -8.76
CA ALA A 202 4.71 -0.19 -10.19
C ALA A 202 3.66 0.50 -11.07
N LYS A 203 4.02 0.74 -12.34
CA LYS A 203 3.13 1.30 -13.38
C LYS A 203 3.43 0.61 -14.72
N THR A 204 2.38 0.10 -15.37
CA THR A 204 2.41 -0.49 -16.73
C THR A 204 2.47 0.63 -17.78
N GLY A 205 2.86 0.25 -18.99
CA GLY A 205 2.85 1.14 -20.17
C GLY A 205 2.70 0.31 -21.42
N TYR A 206 2.03 0.84 -22.44
CA TYR A 206 1.94 0.21 -23.78
C TYR A 206 2.04 1.35 -24.77
N SER A 207 3.11 1.38 -25.56
CA SER A 207 3.35 2.42 -26.61
C SER A 207 3.16 1.74 -27.97
N THR A 208 2.19 2.22 -28.75
CA THR A 208 1.85 1.61 -30.07
C THR A 208 1.85 2.64 -31.18
N ARG A 209 1.98 3.92 -30.86
CA ARG A 209 1.80 5.03 -31.83
C ARG A 209 3.03 5.12 -32.75
N ILE A 210 4.23 5.07 -32.18
CA ILE A 210 5.52 5.05 -32.93
C ILE A 210 6.19 3.69 -32.70
N GLU A 211 6.71 3.06 -33.76
CA GLU A 211 7.43 1.77 -33.63
C GLU A 211 8.78 2.04 -32.94
N PRO A 212 9.40 1.05 -32.27
CA PRO A 212 8.81 -0.28 -32.09
C PRO A 212 7.76 -0.24 -30.97
N LYS A 213 6.69 -1.04 -31.13
CA LYS A 213 5.62 -1.19 -30.13
C LYS A 213 6.23 -1.95 -28.95
N ILE A 214 6.12 -1.36 -27.76
CA ILE A 214 6.75 -1.87 -26.52
C ILE A 214 5.73 -1.84 -25.37
N GLY A 215 5.89 -2.83 -24.49
CA GLY A 215 5.36 -2.84 -23.12
C GLY A 215 6.42 -2.40 -22.14
N TRP A 216 5.98 -1.67 -21.11
CA TRP A 216 6.76 -1.20 -19.94
C TRP A 216 6.18 -1.84 -18.67
N TRP A 217 7.03 -2.20 -17.72
CA TRP A 217 6.66 -2.31 -16.29
C TRP A 217 7.77 -1.69 -15.47
N VAL A 218 7.51 -0.55 -14.82
CA VAL A 218 8.54 0.07 -13.93
C VAL A 218 7.97 0.15 -12.51
N GLY A 219 8.83 -0.05 -11.52
CA GLY A 219 8.50 0.18 -10.10
C GLY A 219 9.55 -0.40 -9.20
N TRP A 220 9.15 -0.92 -8.05
CA TRP A 220 10.13 -1.57 -7.17
C TRP A 220 9.45 -2.65 -6.33
N VAL A 221 10.29 -3.51 -5.77
CA VAL A 221 9.91 -4.55 -4.80
C VAL A 221 10.46 -4.16 -3.43
N GLU A 222 9.56 -3.88 -2.49
CA GLU A 222 9.88 -3.66 -1.05
C GLU A 222 9.91 -5.01 -0.34
N LEU A 223 11.05 -5.29 0.29
CA LEU A 223 11.23 -6.44 1.20
C LEU A 223 11.35 -5.88 2.62
N ASP A 224 11.45 -6.76 3.62
CA ASP A 224 11.61 -6.32 5.02
C ASP A 224 12.78 -5.32 5.08
N ASP A 225 13.93 -5.68 4.50
CA ASP A 225 15.30 -5.14 4.81
C ASP A 225 16.04 -4.59 3.57
N ASN A 226 15.49 -4.73 2.36
CA ASN A 226 16.06 -4.20 1.08
C ASN A 226 14.92 -3.70 0.18
N VAL A 227 15.25 -2.90 -0.84
CA VAL A 227 14.35 -2.48 -1.96
C VAL A 227 15.03 -2.84 -3.29
N TRP A 228 14.32 -3.57 -4.15
CA TRP A 228 14.73 -3.85 -5.54
C TRP A 228 13.88 -2.98 -6.49
N PHE A 229 14.49 -1.97 -7.12
CA PHE A 229 13.87 -1.20 -8.23
C PHE A 229 13.95 -2.02 -9.51
N PHE A 230 12.92 -1.95 -10.36
CA PHE A 230 12.92 -2.61 -11.68
C PHE A 230 12.36 -1.64 -12.71
N ALA A 231 13.01 -1.62 -13.89
CA ALA A 231 12.48 -1.08 -15.15
C ALA A 231 12.67 -2.16 -16.21
N MET A 232 11.61 -2.46 -16.95
CA MET A 232 11.66 -3.43 -18.07
C MET A 232 10.79 -2.89 -19.21
N ASN A 233 11.28 -3.08 -20.44
CA ASN A 233 10.45 -2.91 -21.66
C ASN A 233 10.78 -4.08 -22.59
N MET A 234 9.81 -4.48 -23.38
CA MET A 234 9.95 -5.62 -24.31
C MET A 234 9.20 -5.26 -25.60
N ASP A 235 9.61 -5.87 -26.72
CA ASP A 235 8.91 -5.73 -28.01
C ASP A 235 7.51 -6.31 -27.78
N MET A 236 6.48 -5.57 -28.22
CA MET A 236 5.06 -5.89 -28.01
C MET A 236 4.34 -5.71 -29.36
N PRO A 237 4.64 -6.57 -30.37
CA PRO A 237 4.12 -6.36 -31.72
C PRO A 237 2.58 -6.38 -31.72
N THR A 238 2.01 -7.33 -30.96
CA THR A 238 0.55 -7.60 -30.78
C THR A 238 0.21 -7.40 -29.30
N SER A 239 -1.02 -7.01 -28.99
CA SER A 239 -1.48 -6.78 -27.59
C SER A 239 -1.61 -8.12 -26.84
N ASP A 240 -1.43 -9.27 -27.52
CA ASP A 240 -1.44 -10.63 -26.93
C ASP A 240 -0.37 -10.78 -25.84
N GLY A 241 0.78 -10.11 -26.00
CA GLY A 241 1.98 -10.39 -25.19
C GLY A 241 1.94 -9.75 -23.80
N LEU A 242 1.04 -8.78 -23.59
CA LEU A 242 1.07 -7.79 -22.47
C LEU A 242 1.26 -8.47 -21.11
N GLY A 243 0.69 -9.66 -20.92
CA GLY A 243 0.82 -10.45 -19.67
C GLY A 243 2.28 -10.66 -19.31
N LEU A 244 3.15 -10.69 -20.32
CA LEU A 244 4.59 -11.05 -20.19
C LEU A 244 5.34 -9.95 -19.46
N ARG A 245 4.93 -8.68 -19.59
CA ARG A 245 5.60 -7.54 -18.90
C ARG A 245 5.80 -7.87 -17.42
N GLN A 246 4.76 -8.35 -16.76
CA GLN A 246 4.80 -8.76 -15.33
C GLN A 246 5.47 -10.14 -15.19
N ALA A 247 5.10 -11.10 -16.03
CA ALA A 247 5.50 -12.53 -15.90
C ALA A 247 7.03 -12.66 -16.05
N ILE A 248 7.59 -12.03 -17.08
CA ILE A 248 9.06 -12.02 -17.32
C ILE A 248 9.77 -11.32 -16.15
N THR A 249 9.38 -10.10 -15.78
CA THR A 249 9.99 -9.40 -14.63
C THR A 249 9.96 -10.36 -13.43
N LYS A 250 8.85 -11.06 -13.23
CA LYS A 250 8.70 -11.92 -12.02
C LYS A 250 9.64 -13.12 -12.16
N GLU A 251 9.64 -13.77 -13.32
CA GLU A 251 10.56 -14.90 -13.63
C GLU A 251 12.02 -14.51 -13.29
N VAL A 252 12.40 -13.26 -13.56
CA VAL A 252 13.77 -12.74 -13.26
C VAL A 252 13.87 -12.52 -11.76
N LEU A 253 12.83 -11.97 -11.13
CA LEU A 253 12.83 -11.72 -9.67
C LEU A 253 12.91 -13.06 -8.91
N LYS A 254 12.18 -14.08 -9.38
CA LYS A 254 12.27 -15.48 -8.85
C LYS A 254 13.72 -15.97 -8.95
N GLN A 255 14.29 -15.99 -10.17
CA GLN A 255 15.68 -16.46 -10.47
C GLN A 255 16.68 -15.85 -9.47
N GLU A 256 16.64 -14.54 -9.26
CA GLU A 256 17.61 -13.84 -8.36
C GLU A 256 17.14 -13.98 -6.90
N LYS A 257 16.14 -14.82 -6.64
CA LYS A 257 15.65 -15.19 -5.27
C LYS A 257 15.30 -13.90 -4.51
N ILE A 258 14.62 -12.97 -5.18
CA ILE A 258 14.12 -11.68 -4.59
C ILE A 258 12.69 -11.91 -4.09
N ILE A 259 11.93 -12.72 -4.82
CA ILE A 259 10.61 -13.23 -4.38
C ILE A 259 10.64 -14.77 -4.47
N PRO A 260 9.71 -15.47 -3.77
CA PRO A 260 9.58 -16.92 -3.88
C PRO A 260 8.92 -17.41 -5.17
N GLU B 19 -29.96 0.97 9.72
CA GLU B 19 -28.52 1.37 9.66
C GLU B 19 -27.63 0.17 10.02
N TRP B 20 -27.79 -0.40 11.23
CA TRP B 20 -27.10 -1.63 11.72
C TRP B 20 -28.01 -2.86 11.57
N GLN B 21 -27.48 -3.99 11.09
CA GLN B 21 -28.29 -5.19 10.74
C GLN B 21 -27.56 -6.44 11.22
N GLU B 22 -28.25 -7.29 11.97
CA GLU B 22 -27.72 -8.59 12.46
C GLU B 22 -27.78 -9.58 11.29
N ASN B 23 -26.74 -10.37 11.08
CA ASN B 23 -26.72 -11.42 10.04
C ASN B 23 -26.16 -12.69 10.69
N LYS B 24 -27.03 -13.44 11.37
CA LYS B 24 -26.66 -14.60 12.21
C LYS B 24 -26.11 -15.74 11.33
N SER B 25 -26.32 -15.70 10.01
CA SER B 25 -25.80 -16.70 9.03
C SER B 25 -24.28 -16.80 9.12
N TRP B 26 -23.59 -15.70 9.46
CA TRP B 26 -22.10 -15.66 9.58
C TRP B 26 -21.65 -16.52 10.76
N ASN B 27 -22.53 -16.81 11.73
CA ASN B 27 -22.18 -17.61 12.94
C ASN B 27 -21.65 -18.97 12.47
N ALA B 28 -22.22 -19.50 11.38
CA ALA B 28 -21.83 -20.76 10.70
C ALA B 28 -20.30 -20.84 10.56
N HIS B 29 -19.69 -19.73 10.13
CA HIS B 29 -18.22 -19.64 9.85
C HIS B 29 -17.45 -19.82 11.17
N PHE B 30 -17.94 -19.25 12.27
CA PHE B 30 -17.32 -19.43 13.62
C PHE B 30 -17.54 -20.88 14.07
N THR B 31 -18.78 -21.36 13.94
CA THR B 31 -19.28 -22.68 14.40
C THR B 31 -18.45 -23.81 13.79
N GLU B 32 -18.21 -23.74 12.48
CA GLU B 32 -17.60 -24.82 11.64
C GLU B 32 -16.14 -25.05 12.10
N HIS B 33 -15.54 -24.04 12.75
CA HIS B 33 -14.18 -24.12 13.35
C HIS B 33 -14.31 -24.28 14.88
N LYS B 34 -15.53 -24.54 15.37
CA LYS B 34 -15.86 -24.77 16.81
C LYS B 34 -15.35 -23.58 17.67
N SER B 35 -15.62 -22.36 17.22
CA SER B 35 -15.18 -21.10 17.90
C SER B 35 -16.36 -20.12 17.99
N GLN B 36 -16.30 -19.24 18.98
CA GLN B 36 -17.26 -18.12 19.18
C GLN B 36 -16.54 -16.86 18.71
N GLY B 37 -17.27 -15.88 18.19
CA GLY B 37 -16.75 -14.51 18.05
C GLY B 37 -17.60 -13.64 17.16
N VAL B 38 -17.14 -12.40 16.93
CA VAL B 38 -17.89 -11.37 16.19
C VAL B 38 -17.06 -10.95 14.98
N VAL B 39 -17.73 -10.70 13.86
CA VAL B 39 -17.25 -9.90 12.71
C VAL B 39 -18.19 -8.71 12.56
N VAL B 40 -17.63 -7.49 12.53
CA VAL B 40 -18.37 -6.24 12.18
C VAL B 40 -17.84 -5.71 10.84
N LEU B 41 -18.73 -5.53 9.86
CA LEU B 41 -18.48 -4.86 8.56
C LEU B 41 -19.17 -3.49 8.59
N TRP B 42 -18.62 -2.52 7.85
CA TRP B 42 -19.23 -1.20 7.60
C TRP B 42 -18.97 -0.84 6.14
N ASN B 43 -20.05 -0.87 5.35
CA ASN B 43 -20.10 -0.37 3.96
C ASN B 43 -20.07 1.15 4.03
N GLU B 44 -18.91 1.76 3.76
CA GLU B 44 -18.72 3.23 3.89
C GLU B 44 -19.71 3.99 3.02
N ASN B 45 -19.86 3.60 1.74
CA ASN B 45 -20.70 4.36 0.77
C ASN B 45 -22.12 4.44 1.32
N LYS B 46 -22.68 3.28 1.71
CA LYS B 46 -24.11 3.13 2.03
C LYS B 46 -24.35 3.57 3.48
N GLN B 47 -23.31 3.91 4.22
CA GLN B 47 -23.41 4.38 5.63
C GLN B 47 -24.13 3.32 6.48
N GLN B 48 -23.93 2.03 6.18
CA GLN B 48 -24.56 0.86 6.86
C GLN B 48 -23.52 -0.13 7.41
N GLY B 49 -23.85 -0.77 8.55
CA GLY B 49 -23.02 -1.80 9.22
C GLY B 49 -23.75 -3.12 9.38
N PHE B 50 -23.00 -4.22 9.55
CA PHE B 50 -23.48 -5.63 9.56
C PHE B 50 -22.65 -6.40 10.58
N THR B 51 -23.29 -7.18 11.47
CA THR B 51 -22.57 -8.09 12.41
C THR B 51 -23.36 -9.39 12.62
N ASN B 52 -22.65 -10.43 13.06
CA ASN B 52 -23.21 -11.76 13.40
C ASN B 52 -23.72 -11.73 14.85
N ASN B 53 -23.44 -10.64 15.58
CA ASN B 53 -23.72 -10.55 17.03
C ASN B 53 -23.56 -9.10 17.53
N LEU B 54 -24.65 -8.34 17.52
CA LEU B 54 -24.74 -6.91 17.95
C LEU B 54 -24.19 -6.73 19.37
N LYS B 55 -24.42 -7.68 20.27
CA LYS B 55 -23.97 -7.55 21.68
C LYS B 55 -22.44 -7.63 21.69
N ARG B 56 -21.86 -8.71 21.16
CA ARG B 56 -20.39 -8.95 21.20
C ARG B 56 -19.68 -7.86 20.40
N ALA B 57 -20.25 -7.42 19.28
CA ALA B 57 -19.78 -6.26 18.48
C ALA B 57 -19.56 -5.03 19.38
N ASN B 58 -20.26 -4.93 20.52
CA ASN B 58 -20.20 -3.75 21.41
C ASN B 58 -19.41 -4.08 22.67
N GLN B 59 -19.04 -5.36 22.84
CA GLN B 59 -18.22 -5.84 23.98
C GLN B 59 -16.78 -5.38 23.77
N ALA B 60 -16.21 -4.76 24.81
CA ALA B 60 -14.85 -4.20 24.81
C ALA B 60 -13.89 -5.28 25.31
N PHE B 61 -12.71 -5.36 24.70
CA PHE B 61 -11.58 -6.23 25.10
C PHE B 61 -10.29 -5.42 25.10
N LEU B 62 -9.22 -5.95 25.69
CA LEU B 62 -7.84 -5.44 25.53
C LEU B 62 -7.54 -5.39 24.04
N PRO B 63 -6.97 -4.27 23.52
CA PRO B 63 -6.67 -4.14 22.09
C PRO B 63 -5.50 -5.00 21.60
N ALA B 64 -4.59 -5.39 22.48
CA ALA B 64 -3.34 -6.12 22.12
C ALA B 64 -2.65 -5.36 20.99
N SER B 65 -2.17 -6.08 19.98
CA SER B 65 -1.32 -5.53 18.90
C SER B 65 -2.15 -4.59 18.00
N THR B 66 -3.49 -4.60 18.07
CA THR B 66 -4.29 -3.58 17.37
C THR B 66 -3.97 -2.19 17.95
N PHE B 67 -3.34 -2.12 19.13
CA PHE B 67 -2.96 -0.81 19.76
C PHE B 67 -1.82 -0.17 18.96
N ILE B 69 -1.66 0.56 15.93
CA ILE B 69 -2.17 1.64 15.10
C ILE B 69 -2.09 2.97 15.86
N PRO B 70 -2.87 3.21 16.93
CA PRO B 70 -2.84 4.50 17.62
C PRO B 70 -1.46 4.78 18.20
N ASN B 71 -0.76 3.75 18.65
CA ASN B 71 0.61 3.92 19.16
C ASN B 71 1.48 4.55 18.07
N SER B 72 1.52 3.90 16.89
CA SER B 72 2.29 4.36 15.68
C SER B 72 2.00 5.84 15.41
N LEU B 73 0.70 6.22 15.42
CA LEU B 73 0.19 7.57 15.07
C LEU B 73 0.73 8.62 16.05
N ILE B 74 0.68 8.30 17.34
CA ILE B 74 1.04 9.25 18.42
C ILE B 74 2.56 9.44 18.38
N ALA B 75 3.30 8.34 18.29
CA ALA B 75 4.76 8.30 18.14
C ALA B 75 5.17 9.23 16.97
N LEU B 76 4.52 9.08 15.81
CA LEU B 76 4.87 9.84 14.58
C LEU B 76 4.57 11.32 14.79
N ASP B 77 3.39 11.63 15.32
CA ASP B 77 2.95 13.04 15.43
C ASP B 77 3.90 13.78 16.40
N LEU B 78 4.58 13.03 17.26
CA LEU B 78 5.38 13.61 18.38
C LEU B 78 6.87 13.57 18.05
N GLY B 79 7.27 12.97 16.94
CA GLY B 79 8.69 12.90 16.55
C GLY B 79 9.43 11.81 17.29
N VAL B 80 8.73 10.93 18.01
CA VAL B 80 9.36 9.71 18.60
C VAL B 80 9.80 8.80 17.43
N VAL B 81 9.00 8.77 16.36
CA VAL B 81 9.36 8.13 15.08
C VAL B 81 9.50 9.24 14.03
N LYS B 82 10.70 9.39 13.45
CA LYS B 82 10.98 10.45 12.44
C LYS B 82 10.27 10.04 11.14
N ASP B 83 10.31 8.76 10.78
CA ASP B 83 9.64 8.20 9.58
C ASP B 83 9.65 6.67 9.65
N GLU B 84 9.16 6.04 8.59
CA GLU B 84 8.93 4.56 8.46
C GLU B 84 10.21 3.79 8.09
N HIS B 85 11.33 4.48 7.86
CA HIS B 85 12.63 3.87 7.43
C HIS B 85 13.57 3.77 8.63
N GLN B 86 13.43 4.73 9.56
CA GLN B 86 14.15 4.81 10.87
C GLN B 86 14.17 3.43 11.54
N VAL B 87 15.38 3.01 11.95
CA VAL B 87 15.68 1.65 12.47
C VAL B 87 15.61 1.65 14.01
N PHE B 88 14.98 0.64 14.56
CA PHE B 88 14.80 0.42 16.02
C PHE B 88 15.66 -0.77 16.40
N LYS B 89 16.81 -0.47 17.01
CA LYS B 89 17.92 -1.44 17.21
C LYS B 89 17.57 -2.38 18.37
N TRP B 90 17.44 -3.67 18.05
CA TRP B 90 17.21 -4.79 19.00
C TRP B 90 18.10 -4.62 20.24
N ASP B 91 17.48 -4.39 21.42
CA ASP B 91 18.12 -4.22 22.75
C ASP B 91 18.88 -5.49 23.16
N GLY B 92 18.86 -6.53 22.31
CA GLY B 92 19.81 -7.66 22.32
C GLY B 92 19.37 -8.80 23.21
N GLN B 93 18.12 -8.75 23.70
CA GLN B 93 17.56 -9.76 24.64
C GLN B 93 16.63 -10.73 23.88
N THR B 94 17.05 -11.98 23.71
CA THR B 94 16.28 -13.01 22.97
C THR B 94 14.88 -13.12 23.59
N ARG B 95 13.84 -13.23 22.74
CA ARG B 95 12.41 -13.39 23.12
C ARG B 95 11.82 -14.56 22.33
N ASP B 96 10.58 -14.97 22.66
CA ASP B 96 9.92 -16.19 22.13
C ASP B 96 9.73 -16.12 20.61
N ILE B 97 9.44 -14.91 20.12
CA ILE B 97 9.04 -14.62 18.71
C ILE B 97 10.32 -14.37 17.91
N ALA B 98 10.71 -15.33 17.05
CA ALA B 98 11.95 -15.30 16.23
C ALA B 98 12.11 -13.91 15.58
N THR B 99 11.04 -13.44 14.94
CA THR B 99 10.96 -12.20 14.09
C THR B 99 11.27 -10.92 14.90
N TRP B 100 11.28 -10.98 16.23
CA TRP B 100 11.54 -9.81 17.13
C TRP B 100 13.04 -9.64 17.35
N ASN B 101 13.81 -10.70 17.08
CA ASN B 101 15.26 -10.80 17.43
C ASN B 101 16.11 -10.37 16.23
N ARG B 102 16.06 -9.07 15.92
CA ARG B 102 16.71 -8.39 14.78
C ARG B 102 16.21 -6.93 14.75
N ASP B 103 16.76 -6.10 13.88
CA ASP B 103 16.36 -4.68 13.83
C ASP B 103 15.03 -4.57 13.06
N HIS B 104 14.33 -3.45 13.29
CA HIS B 104 12.97 -3.16 12.74
C HIS B 104 12.85 -1.67 12.39
N ASN B 105 11.94 -1.37 11.46
CA ASN B 105 11.43 -0.01 11.13
C ASN B 105 9.90 -0.05 11.32
N LEU B 106 9.22 1.09 11.27
CA LEU B 106 7.78 1.12 11.59
C LEU B 106 7.06 0.06 10.74
N ILE B 107 7.52 -0.23 9.53
CA ILE B 107 6.87 -1.19 8.59
C ILE B 107 6.99 -2.61 9.17
N THR B 108 8.20 -3.04 9.53
CA THR B 108 8.45 -4.44 9.99
C THR B 108 7.97 -4.56 11.44
N ALA B 109 8.04 -3.45 12.20
CA ALA B 109 7.50 -3.34 13.58
C ALA B 109 6.02 -3.74 13.58
N MET B 110 5.22 -3.13 12.68
CA MET B 110 3.80 -3.45 12.52
C MET B 110 3.64 -4.84 11.93
N LYS B 111 4.43 -5.21 10.92
CA LYS B 111 4.18 -6.46 10.15
C LYS B 111 4.30 -7.66 11.09
N TYR B 112 5.24 -7.58 12.05
CA TYR B 112 5.64 -8.71 12.94
C TYR B 112 5.19 -8.48 14.39
N SER B 113 4.46 -7.39 14.66
CA SER B 113 3.82 -7.07 15.96
C SER B 113 4.89 -7.08 17.06
N VAL B 114 5.91 -6.24 16.89
CA VAL B 114 7.13 -6.21 17.74
C VAL B 114 6.87 -5.35 18.98
N VAL B 115 6.48 -6.02 20.06
CA VAL B 115 5.99 -5.39 21.33
C VAL B 115 7.07 -4.46 21.87
N PRO B 116 8.31 -4.96 22.05
CA PRO B 116 9.37 -4.16 22.69
C PRO B 116 9.58 -2.76 22.10
N VAL B 117 9.42 -2.68 20.78
CA VAL B 117 9.58 -1.45 19.98
C VAL B 117 8.49 -0.47 20.42
N TYR B 118 7.27 -0.98 20.51
CA TYR B 118 6.05 -0.21 20.90
C TYR B 118 6.05 0.08 22.41
N GLN B 119 6.54 -0.84 23.23
CA GLN B 119 6.79 -0.53 24.66
C GLN B 119 7.71 0.70 24.71
N GLU B 120 8.79 0.68 23.91
CA GLU B 120 9.81 1.77 23.93
C GLU B 120 9.16 3.08 23.47
N PHE B 121 8.38 3.08 22.36
CA PHE B 121 7.62 4.28 21.93
C PHE B 121 6.73 4.78 23.06
N ALA B 122 5.99 3.86 23.69
CA ALA B 122 5.06 4.19 24.79
C ALA B 122 5.81 4.94 25.89
N ARG B 123 7.01 4.45 26.26
CA ARG B 123 7.87 5.06 27.31
C ARG B 123 8.21 6.49 26.93
N GLN B 124 8.63 6.71 25.69
CA GLN B 124 9.04 8.04 25.19
C GLN B 124 7.81 8.95 25.10
N ILE B 125 6.68 8.40 24.64
CA ILE B 125 5.39 9.13 24.48
C ILE B 125 4.97 9.72 25.82
N GLY B 126 4.96 8.89 26.88
CA GLY B 126 4.74 9.30 28.28
C GLY B 126 3.25 9.35 28.64
N GLU B 127 2.89 8.79 29.79
CA GLU B 127 1.48 8.56 30.21
C GLU B 127 0.65 9.85 30.00
N ALA B 128 1.21 11.05 30.22
CA ALA B 128 0.50 12.34 30.10
C ALA B 128 -0.02 12.52 28.67
N ARG B 129 0.90 12.42 27.70
CA ARG B 129 0.58 12.67 26.26
C ARG B 129 -0.24 11.49 25.73
N MET B 130 0.09 10.24 26.10
CA MET B 130 -0.62 9.04 25.61
C MET B 130 -2.10 9.20 25.94
N SER B 131 -2.37 9.62 27.19
CA SER B 131 -3.73 9.87 27.74
C SER B 131 -4.47 10.91 26.89
N LYS B 132 -3.90 12.11 26.76
CA LYS B 132 -4.47 13.24 25.97
C LYS B 132 -4.87 12.74 24.58
N MET B 133 -3.98 12.01 23.93
CA MET B 133 -4.12 11.55 22.52
C MET B 133 -5.29 10.55 22.42
N LEU B 134 -5.34 9.51 23.27
CA LEU B 134 -6.43 8.50 23.23
C LEU B 134 -7.79 9.18 23.46
N HIS B 135 -7.84 10.27 24.25
CA HIS B 135 -9.06 11.10 24.45
C HIS B 135 -9.43 11.75 23.13
N ALA B 136 -8.54 12.59 22.59
CA ALA B 136 -8.70 13.27 21.29
C ALA B 136 -9.15 12.25 20.21
N PHE B 137 -8.58 11.02 20.19
CA PHE B 137 -9.00 9.94 19.26
C PHE B 137 -10.36 9.36 19.65
N ASP B 138 -10.82 9.52 20.90
CA ASP B 138 -12.11 8.95 21.38
C ASP B 138 -11.97 7.41 21.31
N TYR B 139 -10.76 6.93 21.66
CA TYR B 139 -10.27 5.55 21.42
C TYR B 139 -10.77 4.67 22.56
N GLY B 140 -11.64 3.70 22.26
CA GLY B 140 -12.20 2.79 23.29
C GLY B 140 -12.61 3.56 24.53
N ASN B 141 -12.13 3.14 25.71
CA ASN B 141 -12.57 3.69 27.01
C ASN B 141 -11.56 4.75 27.50
N GLU B 142 -10.51 5.05 26.73
CA GLU B 142 -9.56 6.16 26.95
C GLU B 142 -8.78 5.97 28.25
N ASP B 143 -8.67 4.72 28.72
CA ASP B 143 -8.10 4.37 30.05
C ASP B 143 -6.74 3.73 29.83
N ILE B 144 -5.66 4.44 30.18
CA ILE B 144 -4.28 3.93 29.91
C ILE B 144 -3.70 3.25 31.14
N SER B 145 -4.48 3.15 32.22
CA SER B 145 -3.99 2.93 33.60
C SER B 145 -3.37 1.52 33.70
N GLY B 146 -2.25 1.47 34.42
CA GLY B 146 -1.32 0.34 34.46
C GLY B 146 0.08 0.84 34.18
N ASN B 147 0.92 -0.04 33.62
CA ASN B 147 2.28 0.31 33.12
C ASN B 147 2.15 1.18 31.85
N VAL B 148 2.72 2.38 31.86
CA VAL B 148 2.74 3.20 30.62
C VAL B 148 3.14 2.29 29.44
N ASP B 149 4.00 1.30 29.69
CA ASP B 149 4.67 0.48 28.66
C ASP B 149 3.97 -0.88 28.49
N SER B 150 2.77 -1.09 29.02
CA SER B 150 2.09 -2.43 28.96
C SER B 150 0.55 -2.34 28.99
N PHE B 151 -0.04 -1.16 29.25
CA PHE B 151 -1.49 -1.03 29.58
C PHE B 151 -2.38 -1.62 28.46
N TRP B 152 -1.97 -1.56 27.21
CA TRP B 152 -2.73 -2.14 26.06
C TRP B 152 -2.57 -3.66 25.98
N LEU B 153 -1.65 -4.26 26.77
CA LEU B 153 -1.44 -5.74 26.84
C LEU B 153 -2.12 -6.33 28.08
N ASP B 154 -1.98 -5.66 29.23
CA ASP B 154 -2.44 -6.19 30.55
C ASP B 154 -3.02 -5.09 31.47
N GLY B 155 -3.29 -3.89 30.96
CA GLY B 155 -3.76 -2.74 31.77
C GLY B 155 -5.26 -2.48 31.59
N GLY B 156 -5.66 -1.20 31.62
CA GLY B 156 -7.07 -0.77 31.72
C GLY B 156 -7.80 -0.56 30.39
N ILE B 157 -7.08 -0.29 29.28
CA ILE B 157 -7.68 0.15 28.00
C ILE B 157 -8.57 -0.96 27.44
N ARG B 158 -9.79 -0.59 27.01
CA ARG B 158 -10.79 -1.53 26.49
C ARG B 158 -11.39 -0.89 25.24
N ILE B 159 -11.59 -1.67 24.19
CA ILE B 159 -12.21 -1.20 22.94
C ILE B 159 -13.01 -2.35 22.33
N SER B 160 -14.19 -2.01 21.81
CA SER B 160 -15.11 -2.93 21.10
C SER B 160 -14.83 -2.87 19.59
N ALA B 161 -15.26 -3.91 18.86
CA ALA B 161 -15.31 -3.96 17.39
C ALA B 161 -15.86 -2.64 16.83
N THR B 162 -17.01 -2.16 17.30
CA THR B 162 -17.68 -0.98 16.70
C THR B 162 -16.82 0.28 16.98
N GLU B 163 -16.20 0.37 18.16
CA GLU B 163 -15.33 1.53 18.52
C GLU B 163 -14.06 1.47 17.65
N GLN B 164 -13.71 0.27 17.15
CA GLN B 164 -12.52 0.03 16.30
C GLN B 164 -12.80 0.66 14.94
N ILE B 165 -13.92 0.27 14.33
CA ILE B 165 -14.46 0.84 13.06
C ILE B 165 -14.43 2.37 13.18
N SER B 166 -15.06 2.92 14.21
CA SER B 166 -15.17 4.37 14.45
C SER B 166 -13.80 5.03 14.33
N PHE B 167 -12.81 4.51 15.06
CA PHE B 167 -11.40 4.98 15.06
C PHE B 167 -10.81 4.84 13.64
N LEU B 168 -10.92 3.65 13.06
CA LEU B 168 -10.43 3.33 11.71
C LEU B 168 -11.06 4.31 10.70
N ARG B 169 -12.38 4.49 10.72
CA ARG B 169 -13.08 5.40 9.78
C ARG B 169 -12.43 6.79 9.88
N LYS B 170 -12.16 7.28 11.07
CA LYS B 170 -11.51 8.61 11.21
C LYS B 170 -10.11 8.53 10.54
N LEU B 171 -9.33 7.48 10.80
CA LEU B 171 -7.96 7.31 10.22
C LEU B 171 -8.06 7.30 8.69
N TYR B 172 -9.07 6.65 8.11
CA TYR B 172 -9.21 6.50 6.64
C TYR B 172 -9.35 7.86 5.96
N HIS B 173 -10.15 8.74 6.53
CA HIS B 173 -10.40 10.12 6.01
C HIS B 173 -9.42 11.13 6.65
N ASN B 174 -8.37 10.68 7.30
CA ASN B 174 -7.36 11.62 7.87
C ASN B 174 -8.05 12.65 8.78
N LYS B 175 -8.92 12.20 9.68
CA LYS B 175 -9.78 13.07 10.53
C LYS B 175 -9.38 12.96 12.00
N LEU B 176 -8.35 12.15 12.34
CA LEU B 176 -7.82 12.09 13.73
C LEU B 176 -7.05 13.39 14.00
N HIS B 177 -7.08 13.93 15.22
CA HIS B 177 -6.41 15.21 15.57
C HIS B 177 -4.91 14.97 15.72
N VAL B 178 -4.28 14.53 14.63
CA VAL B 178 -2.81 14.35 14.38
C VAL B 178 -2.57 14.71 12.91
N SER B 179 -1.32 15.03 12.53
CA SER B 179 -0.96 15.47 11.15
C SER B 179 -1.40 14.38 10.15
N GLU B 180 -1.88 14.83 8.97
CA GLU B 180 -2.22 14.00 7.80
C GLU B 180 -1.06 13.06 7.48
N ARG B 181 0.18 13.58 7.48
CA ARG B 181 1.41 12.78 7.23
C ARG B 181 1.43 11.54 8.13
N SER B 182 1.34 11.75 9.44
CA SER B 182 1.33 10.69 10.48
C SER B 182 0.34 9.56 10.10
N GLN B 183 -0.81 9.94 9.54
CA GLN B 183 -1.94 9.00 9.25
C GLN B 183 -1.58 8.19 8.00
N ARG B 184 -1.20 8.90 6.93
CA ARG B 184 -0.73 8.30 5.67
C ARG B 184 0.33 7.23 5.99
N ILE B 185 1.32 7.57 6.79
CA ILE B 185 2.44 6.64 7.13
C ILE B 185 1.89 5.40 7.85
N VAL B 186 0.96 5.58 8.81
CA VAL B 186 0.41 4.44 9.59
C VAL B 186 -0.44 3.55 8.67
N LYS B 187 -1.25 4.17 7.80
CA LYS B 187 -2.03 3.42 6.79
C LYS B 187 -1.08 2.62 5.88
N GLN B 188 0.00 3.23 5.40
CA GLN B 188 1.04 2.52 4.62
C GLN B 188 1.46 1.28 5.42
N ALA B 189 1.86 1.53 6.67
CA ALA B 189 2.37 0.47 7.58
C ALA B 189 1.31 -0.61 7.79
N MET B 190 0.01 -0.28 7.69
CA MET B 190 -1.08 -1.26 7.89
C MET B 190 -1.19 -2.17 6.66
N LEU B 191 -0.55 -1.81 5.54
CA LEU B 191 -0.66 -2.60 4.27
C LEU B 191 -0.41 -4.06 4.62
N THR B 192 -1.37 -4.94 4.37
CA THR B 192 -1.24 -6.39 4.65
C THR B 192 -1.26 -7.18 3.35
N GLU B 193 -2.12 -6.78 2.42
CA GLU B 193 -2.49 -7.60 1.24
C GLU B 193 -2.99 -6.66 0.14
N ALA B 194 -2.71 -6.99 -1.12
CA ALA B 194 -3.14 -6.19 -2.28
C ALA B 194 -2.99 -7.04 -3.55
N ASN B 195 -3.99 -6.94 -4.43
CA ASN B 195 -3.98 -7.49 -5.82
C ASN B 195 -4.82 -6.58 -6.72
N GLY B 196 -5.27 -7.09 -7.86
CA GLY B 196 -6.10 -6.30 -8.81
C GLY B 196 -7.58 -6.24 -8.43
N ASP B 197 -7.98 -6.91 -7.34
CA ASP B 197 -9.36 -7.02 -6.83
C ASP B 197 -9.58 -6.10 -5.62
N TYR B 198 -8.64 -6.13 -4.65
CA TYR B 198 -8.75 -5.39 -3.36
C TYR B 198 -7.37 -5.08 -2.75
N ILE B 199 -7.39 -4.10 -1.86
CA ILE B 199 -6.27 -3.72 -0.95
C ILE B 199 -6.81 -3.97 0.48
N ILE B 200 -6.13 -4.74 1.32
CA ILE B 200 -6.45 -4.81 2.77
C ILE B 200 -5.38 -4.03 3.50
N ARG B 201 -5.80 -3.06 4.32
CA ARG B 201 -4.96 -2.46 5.38
C ARG B 201 -5.58 -2.93 6.69
N ALA B 202 -4.78 -3.44 7.62
CA ALA B 202 -5.29 -4.13 8.83
C ALA B 202 -4.16 -4.34 9.84
N LYS B 203 -4.56 -4.69 11.07
CA LYS B 203 -3.64 -5.03 12.18
C LYS B 203 -4.23 -6.18 12.99
N THR B 204 -3.43 -7.22 13.21
CA THR B 204 -3.74 -8.39 14.08
C THR B 204 -3.59 -8.02 15.56
N GLY B 205 -4.15 -8.85 16.43
CA GLY B 205 -3.99 -8.75 17.89
C GLY B 205 -4.16 -10.12 18.54
N TYR B 206 -3.45 -10.39 19.63
CA TYR B 206 -3.61 -11.61 20.44
C TYR B 206 -3.50 -11.17 21.88
N SER B 207 -4.57 -11.33 22.65
CA SER B 207 -4.65 -10.94 24.09
C SER B 207 -4.74 -12.23 24.92
N THR B 208 -3.71 -12.51 25.71
CA THR B 208 -3.62 -13.79 26.47
C THR B 208 -3.29 -13.52 27.94
N ARG B 209 -2.87 -12.30 28.30
CA ARG B 209 -2.45 -11.93 29.66
C ARG B 209 -3.66 -11.96 30.61
N ILE B 210 -4.78 -11.34 30.22
CA ILE B 210 -6.04 -11.30 31.00
C ILE B 210 -7.11 -12.08 30.23
N GLU B 211 -7.95 -12.86 30.91
CA GLU B 211 -9.06 -13.59 30.24
C GLU B 211 -10.09 -12.56 29.80
N PRO B 212 -10.93 -12.84 28.76
CA PRO B 212 -10.82 -14.07 27.97
C PRO B 212 -9.72 -13.92 26.91
N LYS B 213 -9.11 -15.03 26.51
CA LYS B 213 -8.05 -15.01 25.46
C LYS B 213 -8.77 -14.83 24.13
N ILE B 214 -8.38 -13.78 23.39
CA ILE B 214 -9.04 -13.40 22.11
C ILE B 214 -7.99 -13.08 21.04
N GLY B 215 -8.37 -13.34 19.80
CA GLY B 215 -7.74 -12.80 18.59
C GLY B 215 -8.53 -11.62 18.06
N TRP B 216 -7.84 -10.63 17.50
CA TRP B 216 -8.35 -9.46 16.77
C TRP B 216 -7.86 -9.50 15.33
N TRP B 217 -8.67 -9.01 14.40
CA TRP B 217 -8.20 -8.46 13.10
C TRP B 217 -9.07 -7.23 12.79
N VAL B 218 -8.47 -6.03 12.79
CA VAL B 218 -9.22 -4.81 12.42
C VAL B 218 -8.52 -4.15 11.23
N GLY B 219 -9.32 -3.55 10.34
CA GLY B 219 -8.81 -2.74 9.23
C GLY B 219 -9.90 -2.48 8.22
N TRP B 220 -9.54 -2.42 6.95
CA TRP B 220 -10.56 -2.24 5.91
C TRP B 220 -10.11 -2.86 4.60
N VAL B 221 -11.08 -3.04 3.72
CA VAL B 221 -10.92 -3.52 2.32
C VAL B 221 -11.24 -2.35 1.40
N GLU B 222 -10.22 -1.86 0.69
CA GLU B 222 -10.35 -0.85 -0.39
C GLU B 222 -10.70 -1.57 -1.69
N LEU B 223 -11.81 -1.14 -2.31
CA LEU B 223 -12.25 -1.58 -3.66
C LEU B 223 -12.13 -0.39 -4.61
N ASP B 224 -12.45 -0.57 -5.90
CA ASP B 224 -12.33 0.54 -6.87
C ASP B 224 -13.12 1.77 -6.35
N ASP B 225 -14.38 1.56 -5.94
CA ASP B 225 -15.45 2.60 -5.76
C ASP B 225 -16.06 2.59 -4.35
N ASN B 226 -15.70 1.64 -3.47
CA ASN B 226 -16.21 1.51 -2.07
C ASN B 226 -15.04 1.13 -1.13
N VAL B 227 -15.24 1.33 0.18
CA VAL B 227 -14.38 0.86 1.29
C VAL B 227 -15.25 0.06 2.26
N TRP B 228 -14.85 -1.18 2.56
CA TRP B 228 -15.43 -2.02 3.62
C TRP B 228 -14.49 -2.03 4.83
N PHE B 229 -14.86 -1.34 5.92
CA PHE B 229 -14.16 -1.45 7.23
C PHE B 229 -14.58 -2.75 7.91
N PHE B 230 -13.66 -3.40 8.61
CA PHE B 230 -13.96 -4.63 9.39
C PHE B 230 -13.25 -4.53 10.74
N ALA B 231 -13.97 -4.95 11.79
CA ALA B 231 -13.41 -5.30 13.11
C ALA B 231 -13.95 -6.70 13.45
N MET B 232 -13.06 -7.61 13.86
CA MET B 232 -13.46 -8.97 14.31
C MET B 232 -12.59 -9.37 15.51
N ASN B 233 -13.20 -10.04 16.49
CA ASN B 233 -12.48 -10.73 17.57
C ASN B 233 -13.18 -12.07 17.81
N MET B 234 -12.44 -13.06 18.30
CA MET B 234 -12.96 -14.42 18.51
C MET B 234 -12.25 -14.99 19.74
N ASP B 235 -12.89 -15.96 20.40
CA ASP B 235 -12.26 -16.70 21.53
C ASP B 235 -11.02 -17.40 20.96
N MET B 236 -9.89 -17.30 21.65
CA MET B 236 -8.57 -17.85 21.23
C MET B 236 -7.94 -18.57 22.41
N PRO B 237 -8.55 -19.69 22.90
CA PRO B 237 -8.02 -20.38 24.08
C PRO B 237 -6.55 -20.80 23.90
N THR B 238 -6.22 -21.35 22.71
CA THR B 238 -4.90 -21.90 22.30
C THR B 238 -4.38 -21.09 21.10
N SER B 239 -3.06 -21.00 20.90
CA SER B 239 -2.46 -20.22 19.78
C SER B 239 -2.69 -20.94 18.45
N ASP B 240 -3.24 -22.16 18.46
CA ASP B 240 -3.59 -22.95 17.24
C ASP B 240 -4.59 -22.21 16.36
N GLY B 241 -5.49 -21.43 16.95
CA GLY B 241 -6.66 -20.87 16.23
C GLY B 241 -6.31 -19.65 15.38
N LEU B 242 -5.15 -19.01 15.65
CA LEU B 242 -4.79 -17.65 15.17
C LEU B 242 -5.07 -17.46 13.67
N GLY B 243 -4.85 -18.50 12.85
CA GLY B 243 -5.08 -18.46 11.40
C GLY B 243 -6.50 -18.03 11.07
N LEU B 244 -7.43 -18.30 11.98
CA LEU B 244 -8.89 -18.13 11.78
C LEU B 244 -9.24 -16.65 11.78
N ARG B 245 -8.49 -15.81 12.49
CA ARG B 245 -8.75 -14.34 12.53
C ARG B 245 -8.93 -13.81 11.10
N GLN B 246 -8.00 -14.15 10.20
CA GLN B 246 -8.03 -13.73 8.77
C GLN B 246 -9.03 -14.60 8.00
N ALA B 247 -9.00 -15.92 8.22
CA ALA B 247 -9.75 -16.93 7.41
C ALA B 247 -11.26 -16.69 7.55
N ILE B 248 -11.74 -16.55 8.80
CA ILE B 248 -13.18 -16.28 9.07
C ILE B 248 -13.55 -14.92 8.47
N THR B 249 -12.81 -13.85 8.75
CA THR B 249 -13.10 -12.52 8.16
C THR B 249 -13.22 -12.68 6.64
N LYS B 250 -12.31 -13.43 6.03
CA LYS B 250 -12.27 -13.58 4.55
C LYS B 250 -13.50 -14.38 4.10
N GLU B 251 -13.76 -15.52 4.76
CA GLU B 251 -14.97 -16.36 4.49
C GLU B 251 -16.25 -15.49 4.52
N VAL B 252 -16.33 -14.52 5.43
CA VAL B 252 -17.48 -13.57 5.55
C VAL B 252 -17.41 -12.58 4.38
N LEU B 253 -16.21 -12.08 4.07
CA LEU B 253 -16.01 -11.11 2.94
C LEU B 253 -16.39 -11.80 1.63
N LYS B 254 -15.99 -13.08 1.44
CA LYS B 254 -16.40 -13.90 0.27
C LYS B 254 -17.94 -13.96 0.18
N GLN B 255 -18.60 -14.44 1.25
CA GLN B 255 -20.08 -14.63 1.33
C GLN B 255 -20.79 -13.36 0.88
N GLU B 256 -20.41 -12.19 1.40
CA GLU B 256 -21.08 -10.90 1.06
C GLU B 256 -20.53 -10.35 -0.27
N LYS B 257 -19.77 -11.17 -1.00
CA LYS B 257 -19.30 -10.87 -2.38
C LYS B 257 -18.55 -9.53 -2.38
N ILE B 258 -17.70 -9.32 -1.36
CA ILE B 258 -16.83 -8.11 -1.24
C ILE B 258 -15.47 -8.43 -1.88
N ILE B 259 -15.03 -9.69 -1.75
CA ILE B 259 -13.86 -10.24 -2.48
C ILE B 259 -14.32 -11.51 -3.21
N PRO B 260 -13.56 -12.00 -4.22
CA PRO B 260 -13.90 -13.25 -4.90
C PRO B 260 -13.54 -14.53 -4.12
#